data_6J08
#
_entry.id   6J08
#
_cell.length_a   107.737
_cell.length_b   128.767
_cell.length_c   86.890
_cell.angle_alpha   90.000
_cell.angle_beta   90.000
_cell.angle_gamma   90.000
#
_symmetry.space_group_name_H-M   'C 2 2 2'
#
loop_
_entity.id
_entity.type
_entity.pdbx_description
1 polymer 'Membrane-anchored junction protein'
2 polymer 'Telomere repeats-binding bouquet formation protein 2'
#
loop_
_entity_poly.entity_id
_entity_poly.type
_entity_poly.pdbx_seq_one_letter_code
_entity_poly.pdbx_strand_id
1 'polypeptide(L)'
;SSLKPFTYPFPETRFLHAGPNVYKFKIRYGKSIRGEEIENKEVITQELEDSVRVVLGNLDNLQPFATEHFIVFPYKSKWE
RVSHLKFKHGEIILIPYPFVFTLYVEMKW
;
A,B,C
2 'polypeptide(L)' TGYISIDAMKKFLGELHDFIPGTSGYLAYHVQNEIN D,E,F
#
# COMPACT_ATOMS: atom_id res chain seq x y z
N SER A 1 -24.82 1.10 3.37
CA SER A 1 -23.71 0.14 3.06
C SER A 1 -22.87 0.67 1.88
N SER A 2 -23.54 1.13 0.81
CA SER A 2 -22.97 1.42 -0.53
C SER A 2 -22.21 2.76 -0.55
N LEU A 3 -21.62 3.09 -1.71
CA LEU A 3 -21.05 4.42 -2.05
C LEU A 3 -22.15 5.21 -2.79
N LYS A 4 -21.85 6.32 -3.46
CA LYS A 4 -22.84 7.33 -3.95
C LYS A 4 -23.98 6.84 -4.84
N PRO A 5 -25.22 7.35 -4.66
CA PRO A 5 -26.37 6.95 -5.49
C PRO A 5 -26.28 7.32 -6.98
N PHE A 6 -27.04 6.61 -7.84
CA PHE A 6 -26.95 6.70 -9.32
C PHE A 6 -28.08 7.61 -9.82
N THR A 7 -27.81 8.37 -10.88
CA THR A 7 -28.82 8.90 -11.83
C THR A 7 -29.48 7.61 -12.35
N TYR A 8 -30.76 7.40 -12.06
CA TYR A 8 -31.44 6.15 -12.46
C TYR A 8 -31.85 6.40 -13.91
N PRO A 9 -32.76 7.34 -14.24
CA PRO A 9 -33.29 7.44 -15.61
C PRO A 9 -32.23 7.70 -16.69
N PHE A 10 -31.24 8.55 -16.40
CA PHE A 10 -30.35 9.20 -17.41
C PHE A 10 -28.94 8.60 -17.41
N PRO A 11 -28.29 8.64 -18.59
CA PRO A 11 -26.87 8.33 -18.73
C PRO A 11 -25.90 9.05 -17.78
N GLU A 12 -24.92 8.32 -17.23
CA GLU A 12 -23.85 8.92 -16.39
C GLU A 12 -22.51 8.19 -16.56
N THR A 13 -21.45 8.89 -16.23
CA THR A 13 -20.04 8.44 -16.24
C THR A 13 -19.53 8.45 -14.81
N ARG A 14 -19.08 7.30 -14.29
CA ARG A 14 -18.62 7.17 -12.88
C ARG A 14 -17.17 6.69 -12.86
N PHE A 15 -16.29 7.45 -12.21
CA PHE A 15 -14.90 7.01 -11.92
C PHE A 15 -14.87 6.32 -10.55
N LEU A 16 -14.14 5.21 -10.47
CA LEU A 16 -14.15 4.35 -9.28
C LEU A 16 -12.72 4.00 -8.90
N HIS A 17 -12.39 4.24 -7.65
CA HIS A 17 -11.12 3.86 -7.01
C HIS A 17 -11.32 2.47 -6.43
N ALA A 18 -10.61 1.46 -6.91
CA ALA A 18 -10.71 0.09 -6.35
C ALA A 18 -9.35 -0.59 -6.45
N GLY A 19 -8.89 -1.16 -5.34
CA GLY A 19 -7.48 -1.55 -5.20
C GLY A 19 -6.67 -0.33 -5.59
N PRO A 20 -5.47 -0.51 -6.19
CA PRO A 20 -4.63 0.64 -6.55
C PRO A 20 -5.00 1.25 -7.91
N ASN A 21 -6.25 1.10 -8.36
CA ASN A 21 -6.62 1.40 -9.76
C ASN A 21 -7.80 2.37 -9.83
N VAL A 22 -7.92 3.08 -10.96
CA VAL A 22 -9.13 3.86 -11.32
C VAL A 22 -9.81 3.24 -12.54
N TYR A 23 -11.09 2.96 -12.39
CA TYR A 23 -11.94 2.38 -13.45
C TYR A 23 -12.89 3.47 -13.98
N LYS A 24 -12.94 3.63 -15.31
CA LYS A 24 -13.97 4.48 -15.95
C LYS A 24 -15.19 3.59 -16.26
N PHE A 25 -16.33 3.91 -15.64
CA PHE A 25 -17.63 3.26 -15.92
C PHE A 25 -18.56 4.27 -16.56
N LYS A 26 -19.27 3.84 -17.61
CA LYS A 26 -20.39 4.56 -18.26
C LYS A 26 -21.66 3.72 -18.08
N ILE A 27 -22.75 4.30 -17.58
CA ILE A 27 -24.05 3.59 -17.42
C ILE A 27 -25.10 4.18 -18.36
N ARG A 28 -25.82 3.27 -19.03
CA ARG A 28 -26.94 3.55 -19.96
C ARG A 28 -28.12 2.69 -19.51
N TYR A 29 -29.30 3.29 -19.42
CA TYR A 29 -30.55 2.59 -19.02
C TYR A 29 -31.45 2.64 -20.25
N GLY A 30 -32.17 1.57 -20.55
CA GLY A 30 -33.06 1.52 -21.74
C GLY A 30 -34.49 1.89 -21.37
N LYS A 31 -35.44 1.19 -22.00
CA LYS A 31 -36.91 1.39 -21.81
C LYS A 31 -37.28 1.15 -20.34
N SER A 32 -37.52 2.25 -19.61
CA SER A 32 -37.62 2.27 -18.13
C SER A 32 -38.29 3.57 -17.70
N GLU A 39 -39.09 3.72 -6.80
CA GLU A 39 -39.42 2.45 -6.07
C GLU A 39 -38.72 2.49 -4.68
N ASN A 40 -37.41 2.18 -4.59
CA ASN A 40 -36.65 2.26 -3.32
C ASN A 40 -35.14 2.50 -3.57
N LYS A 41 -34.73 3.76 -3.48
CA LYS A 41 -33.44 4.35 -3.94
C LYS A 41 -32.26 3.42 -3.61
N GLU A 42 -32.01 3.09 -2.33
CA GLU A 42 -30.76 2.40 -1.92
C GLU A 42 -30.81 0.91 -2.28
N VAL A 43 -31.98 0.30 -2.48
CA VAL A 43 -32.00 -1.11 -2.97
C VAL A 43 -31.37 -1.13 -4.37
N ILE A 44 -31.82 -0.19 -5.23
CA ILE A 44 -31.33 0.00 -6.62
C ILE A 44 -29.85 0.36 -6.58
N THR A 45 -29.45 1.34 -5.76
CA THR A 45 -28.01 1.69 -5.58
C THR A 45 -27.21 0.40 -5.34
N GLN A 46 -27.60 -0.39 -4.33
CA GLN A 46 -26.84 -1.60 -3.92
C GLN A 46 -26.77 -2.57 -5.10
N GLU A 47 -27.79 -2.57 -5.96
CA GLU A 47 -27.94 -3.55 -7.08
C GLU A 47 -26.97 -3.18 -8.20
N LEU A 48 -26.81 -1.87 -8.44
CA LEU A 48 -25.93 -1.30 -9.48
C LEU A 48 -24.47 -1.38 -9.03
N GLU A 49 -24.23 -1.13 -7.74
CA GLU A 49 -22.93 -1.40 -7.10
C GLU A 49 -22.60 -2.88 -7.24
N ASP A 50 -23.55 -3.77 -6.97
CA ASP A 50 -23.28 -5.23 -7.07
C ASP A 50 -22.90 -5.52 -8.51
N SER A 51 -23.62 -4.91 -9.45
CA SER A 51 -23.33 -4.94 -10.91
C SER A 51 -21.88 -4.49 -11.18
N VAL A 52 -21.45 -3.37 -10.59
CA VAL A 52 -20.07 -2.87 -10.82
C VAL A 52 -19.08 -3.93 -10.31
N ARG A 53 -19.25 -4.38 -9.07
CA ARG A 53 -18.32 -5.34 -8.40
C ARG A 53 -18.18 -6.58 -9.28
N VAL A 54 -19.26 -6.95 -9.97
CA VAL A 54 -19.31 -8.19 -10.79
C VAL A 54 -18.37 -8.00 -11.97
N VAL A 55 -18.56 -6.92 -12.70
CA VAL A 55 -17.70 -6.50 -13.83
C VAL A 55 -16.25 -6.44 -13.33
N LEU A 56 -16.03 -5.79 -12.18
CA LEU A 56 -14.66 -5.56 -11.64
C LEU A 56 -14.03 -6.90 -11.34
N GLY A 57 -14.83 -7.90 -11.00
CA GLY A 57 -14.38 -9.27 -10.74
C GLY A 57 -14.41 -10.19 -11.95
N ASN A 58 -14.73 -9.70 -13.16
CA ASN A 58 -14.75 -10.58 -14.37
C ASN A 58 -14.28 -9.77 -15.59
N LEU A 59 -13.20 -9.01 -15.42
CA LEU A 59 -12.75 -7.94 -16.35
C LEU A 59 -12.55 -8.52 -17.74
N ASP A 60 -12.11 -9.77 -17.82
CA ASP A 60 -11.76 -10.43 -19.11
C ASP A 60 -12.80 -11.49 -19.46
N ASN A 61 -13.91 -11.53 -18.75
CA ASN A 61 -14.86 -12.66 -18.83
C ASN A 61 -16.23 -11.99 -18.73
N LEU A 62 -16.40 -10.91 -19.49
CA LEU A 62 -17.68 -10.14 -19.56
C LEU A 62 -18.77 -10.97 -20.26
N GLN A 63 -19.93 -11.12 -19.61
CA GLN A 63 -21.17 -11.70 -20.23
C GLN A 63 -22.38 -11.03 -19.60
N PRO A 64 -23.53 -11.01 -20.29
CA PRO A 64 -24.74 -10.43 -19.70
C PRO A 64 -25.12 -11.22 -18.44
N PHE A 65 -25.64 -10.53 -17.43
CA PHE A 65 -26.17 -11.18 -16.20
C PHE A 65 -27.51 -10.57 -15.77
N ALA A 66 -28.21 -11.32 -14.91
CA ALA A 66 -29.54 -10.95 -14.35
C ALA A 66 -29.43 -10.69 -12.84
N THR A 67 -29.84 -9.50 -12.43
CA THR A 67 -29.97 -9.03 -11.02
C THR A 67 -31.43 -9.19 -10.61
N GLU A 68 -31.80 -8.73 -9.40
CA GLU A 68 -33.21 -8.86 -8.90
C GLU A 68 -34.17 -8.23 -9.91
N HIS A 69 -33.89 -7.00 -10.36
CA HIS A 69 -34.75 -6.20 -11.28
C HIS A 69 -34.23 -6.16 -12.72
N PHE A 70 -32.93 -6.35 -12.98
CA PHE A 70 -32.31 -5.93 -14.27
C PHE A 70 -31.62 -7.07 -15.01
N ILE A 71 -31.41 -6.83 -16.31
CA ILE A 71 -30.37 -7.52 -17.12
C ILE A 71 -29.25 -6.53 -17.47
N VAL A 72 -28.04 -6.78 -16.96
CA VAL A 72 -26.85 -5.93 -17.27
C VAL A 72 -26.01 -6.60 -18.36
N PHE A 73 -25.87 -5.87 -19.47
CA PHE A 73 -24.95 -6.16 -20.59
C PHE A 73 -23.74 -5.24 -20.46
N PRO A 74 -22.64 -5.70 -19.80
CA PRO A 74 -21.38 -4.95 -19.74
C PRO A 74 -20.63 -5.04 -21.07
N TYR A 75 -20.00 -3.94 -21.48
CA TYR A 75 -19.14 -3.79 -22.69
C TYR A 75 -17.81 -3.13 -22.30
N LYS A 76 -16.76 -3.34 -23.07
CA LYS A 76 -15.38 -2.90 -22.72
C LYS A 76 -14.74 -2.36 -23.99
N SER A 77 -14.43 -1.07 -24.01
CA SER A 77 -13.75 -0.36 -25.12
C SER A 77 -12.42 0.16 -24.60
N LYS A 78 -11.41 0.25 -25.46
CA LYS A 78 -10.16 0.98 -25.17
C LYS A 78 -10.51 2.36 -24.64
N TRP A 79 -9.75 2.82 -23.65
CA TRP A 79 -9.82 4.18 -23.07
C TRP A 79 -8.84 5.06 -23.85
N GLU A 80 -9.38 5.95 -24.68
CA GLU A 80 -8.58 6.73 -25.65
C GLU A 80 -7.95 7.90 -24.88
N ARG A 81 -6.63 8.09 -25.05
CA ARG A 81 -5.87 9.22 -24.43
C ARG A 81 -5.83 9.08 -22.90
N VAL A 82 -5.47 7.90 -22.38
CA VAL A 82 -5.29 7.64 -20.92
C VAL A 82 -3.93 8.20 -20.49
N SER A 83 -2.93 8.11 -21.37
CA SER A 83 -1.56 8.66 -21.13
C SER A 83 -1.68 10.16 -20.85
N HIS A 84 -2.73 10.82 -21.32
CA HIS A 84 -3.02 12.26 -21.10
C HIS A 84 -3.42 12.55 -19.65
N LEU A 85 -3.74 11.52 -18.87
CA LEU A 85 -4.36 11.70 -17.53
C LEU A 85 -3.49 11.07 -16.44
N LYS A 86 -3.43 11.76 -15.30
CA LYS A 86 -2.87 11.26 -14.03
C LYS A 86 -3.94 11.43 -12.95
N PHE A 87 -4.12 10.40 -12.13
CA PHE A 87 -5.08 10.39 -11.01
C PHE A 87 -4.23 10.27 -9.75
N LYS A 88 -4.58 11.05 -8.71
CA LYS A 88 -3.91 10.95 -7.38
C LYS A 88 -4.97 10.82 -6.28
N HIS A 89 -4.60 10.09 -5.24
CA HIS A 89 -5.27 10.05 -3.92
C HIS A 89 -4.28 10.63 -2.90
N GLY A 90 -4.38 11.94 -2.67
CA GLY A 90 -3.29 12.69 -2.04
C GLY A 90 -2.00 12.46 -2.77
N GLU A 91 -1.00 11.88 -2.11
CA GLU A 91 0.37 11.70 -2.65
C GLU A 91 0.41 10.46 -3.57
N ILE A 92 -0.60 9.59 -3.47
CA ILE A 92 -0.59 8.23 -4.09
C ILE A 92 -1.10 8.32 -5.54
N ILE A 93 -0.27 7.86 -6.49
CA ILE A 93 -0.65 7.73 -7.93
C ILE A 93 -1.63 6.56 -8.07
N LEU A 94 -2.80 6.82 -8.65
CA LEU A 94 -3.79 5.77 -9.01
C LEU A 94 -3.56 5.32 -10.45
N ILE A 95 -3.57 4.01 -10.68
CA ILE A 95 -3.20 3.39 -11.99
C ILE A 95 -4.48 3.20 -12.78
N PRO A 96 -4.63 3.89 -13.92
CA PRO A 96 -5.85 3.80 -14.72
C PRO A 96 -5.95 2.41 -15.36
N TYR A 97 -7.09 1.75 -15.20
CA TYR A 97 -7.34 0.53 -16.00
C TYR A 97 -7.78 1.03 -17.38
N PRO A 98 -6.93 0.84 -18.43
CA PRO A 98 -7.05 1.58 -19.69
C PRO A 98 -8.15 1.03 -20.61
N PHE A 99 -9.34 0.84 -20.04
CA PHE A 99 -10.60 0.39 -20.69
C PHE A 99 -11.79 1.07 -20.04
N VAL A 100 -12.75 1.43 -20.88
CA VAL A 100 -14.06 2.00 -20.46
C VAL A 100 -15.05 0.84 -20.41
N PHE A 101 -15.65 0.63 -19.26
CA PHE A 101 -16.81 -0.28 -19.07
C PHE A 101 -18.10 0.51 -19.29
N THR A 102 -18.85 0.14 -20.34
CA THR A 102 -20.24 0.63 -20.56
C THR A 102 -21.18 -0.47 -20.10
N LEU A 103 -21.97 -0.21 -19.05
CA LEU A 103 -23.06 -1.11 -18.57
C LEU A 103 -24.40 -0.64 -19.15
N TYR A 104 -24.99 -1.44 -20.04
CA TYR A 104 -26.34 -1.22 -20.59
C TYR A 104 -27.31 -2.02 -19.74
N VAL A 105 -28.10 -1.32 -18.94
CA VAL A 105 -29.06 -1.86 -17.94
C VAL A 105 -30.48 -1.83 -18.51
N GLU A 106 -31.09 -3.00 -18.74
CA GLU A 106 -32.52 -3.16 -19.12
C GLU A 106 -33.30 -3.77 -17.95
N MET A 107 -34.63 -3.56 -17.90
CA MET A 107 -35.57 -4.28 -16.96
C MET A 107 -35.67 -5.73 -17.46
N LYS A 108 -35.83 -6.73 -16.59
CA LYS A 108 -36.06 -8.13 -17.04
C LYS A 108 -37.42 -8.27 -17.78
N TRP A 109 -38.52 -7.75 -17.21
CA TRP A 109 -39.93 -7.86 -17.71
C TRP A 109 -40.40 -9.32 -17.62
N THR B 1 -31.44 -20.54 -23.22
CA THR B 1 -32.05 -19.18 -23.06
C THR B 1 -32.34 -18.91 -21.59
N GLY B 2 -32.08 -17.66 -21.18
CA GLY B 2 -31.89 -17.22 -19.78
C GLY B 2 -30.48 -16.68 -19.62
N TYR B 3 -30.32 -15.63 -18.81
CA TYR B 3 -29.01 -15.03 -18.45
C TYR B 3 -28.56 -15.60 -17.11
N ILE B 4 -27.25 -15.68 -16.88
CA ILE B 4 -26.66 -16.13 -15.60
C ILE B 4 -27.12 -15.16 -14.51
N SER B 5 -27.48 -15.68 -13.34
CA SER B 5 -27.79 -14.90 -12.13
C SER B 5 -26.52 -14.23 -11.61
N ILE B 6 -26.63 -12.97 -11.22
CA ILE B 6 -25.57 -12.25 -10.46
C ILE B 6 -25.09 -13.12 -9.28
N ASP B 7 -25.99 -13.88 -8.64
CA ASP B 7 -25.63 -14.73 -7.47
C ASP B 7 -24.51 -15.71 -7.83
N ALA B 8 -24.40 -16.12 -9.09
CA ALA B 8 -23.43 -17.13 -9.58
C ALA B 8 -22.18 -16.45 -10.16
N MET B 9 -22.29 -15.16 -10.46
CA MET B 9 -21.15 -14.29 -10.86
C MET B 9 -20.28 -14.01 -9.62
N LYS B 10 -18.99 -14.31 -9.70
CA LYS B 10 -18.00 -13.89 -8.67
C LYS B 10 -17.81 -12.38 -8.81
N LYS B 11 -17.51 -11.67 -7.72
CA LYS B 11 -17.39 -10.20 -7.75
C LYS B 11 -16.25 -9.68 -6.89
N PHE B 12 -15.76 -8.49 -7.19
CA PHE B 12 -14.76 -7.75 -6.38
C PHE B 12 -15.36 -7.36 -5.03
N LEU B 13 -14.69 -7.77 -3.94
CA LEU B 13 -15.20 -7.66 -2.55
C LEU B 13 -14.48 -6.55 -1.78
N GLY B 14 -13.67 -5.71 -2.41
CA GLY B 14 -12.81 -4.78 -1.67
C GLY B 14 -13.48 -3.44 -1.42
N GLU B 15 -12.84 -2.60 -0.63
CA GLU B 15 -13.18 -1.16 -0.57
C GLU B 15 -13.29 -0.64 -2.01
N LEU B 16 -14.28 0.22 -2.22
CA LEU B 16 -14.68 0.78 -3.54
C LEU B 16 -15.21 2.19 -3.27
N HIS B 17 -14.61 3.19 -3.88
CA HIS B 17 -14.95 4.63 -3.66
C HIS B 17 -15.20 5.29 -5.01
N ASP B 18 -16.10 6.27 -5.03
CA ASP B 18 -16.25 7.22 -6.17
C ASP B 18 -15.01 8.11 -6.22
N PHE B 19 -14.25 8.01 -7.31
CA PHE B 19 -13.16 8.96 -7.59
C PHE B 19 -13.79 10.30 -7.96
N ILE B 20 -13.99 11.19 -6.99
CA ILE B 20 -14.57 12.55 -7.20
C ILE B 20 -13.45 13.57 -6.98
N PRO B 21 -12.94 14.20 -8.06
CA PRO B 21 -11.77 15.06 -7.96
C PRO B 21 -12.18 16.29 -7.14
N GLY B 22 -11.36 16.68 -6.17
CA GLY B 22 -11.60 17.84 -5.30
C GLY B 22 -12.34 17.46 -4.02
N THR B 23 -12.69 16.19 -3.86
CA THR B 23 -13.10 15.60 -2.56
C THR B 23 -12.36 15.11 -1.30
N SER B 24 -11.70 13.96 -1.39
CA SER B 24 -11.42 12.97 -0.30
C SER B 24 -9.93 12.89 -0.68
N GLY B 25 -9.32 13.98 -1.13
CA GLY B 25 -7.89 14.04 -1.47
C GLY B 25 -7.67 13.70 -2.93
N TYR B 26 -8.73 13.57 -3.71
CA TYR B 26 -8.65 13.08 -5.11
C TYR B 26 -8.41 14.25 -6.06
N LEU B 27 -7.43 14.09 -6.96
CA LEU B 27 -7.07 15.08 -7.99
C LEU B 27 -6.77 14.34 -9.28
N ALA B 28 -7.23 14.90 -10.40
CA ALA B 28 -6.98 14.43 -11.78
C ALA B 28 -6.23 15.54 -12.50
N TYR B 29 -5.37 15.16 -13.44
CA TYR B 29 -4.45 16.08 -14.18
C TYR B 29 -4.48 15.75 -15.67
N HIS B 30 -4.60 16.75 -16.53
CA HIS B 30 -4.59 16.61 -18.00
C HIS B 30 -3.29 17.18 -18.55
N VAL B 31 -2.50 16.36 -19.25
CA VAL B 31 -1.29 16.83 -20.00
C VAL B 31 -1.68 18.09 -20.81
N GLN B 32 -0.78 19.09 -20.80
CA GLN B 32 -0.85 20.34 -21.61
C GLN B 32 0.48 20.54 -22.34
N ASN B 33 0.44 21.27 -23.46
CA ASN B 33 1.63 21.67 -24.26
C ASN B 33 1.68 23.21 -24.35
N GLU B 34 0.85 23.90 -23.57
CA GLU B 34 0.89 25.36 -23.31
C GLU B 34 0.74 25.59 -21.81
N ILE B 35 1.37 26.64 -21.28
CA ILE B 35 1.35 26.96 -19.82
C ILE B 35 0.91 28.42 -19.65
N ASN B 36 0.22 28.71 -18.54
CA ASN B 36 -0.15 30.08 -18.11
C ASN B 36 -0.30 30.11 -16.58
N SER C 1 -5.97 -21.57 0.84
CA SER C 1 -4.88 -22.38 0.22
C SER C 1 -4.98 -22.31 -1.31
N SER C 2 -5.10 -21.09 -1.85
CA SER C 2 -5.20 -20.80 -3.31
C SER C 2 -3.83 -20.99 -3.99
N LEU C 3 -2.74 -20.77 -3.24
CA LEU C 3 -1.36 -20.55 -3.75
C LEU C 3 -0.47 -21.78 -3.55
N LYS C 4 0.52 -21.98 -4.42
CA LYS C 4 1.60 -22.99 -4.23
C LYS C 4 2.13 -22.86 -2.81
N PRO C 5 2.62 -23.96 -2.20
CA PRO C 5 3.27 -23.88 -0.90
C PRO C 5 4.40 -22.85 -0.90
N PHE C 6 4.73 -22.30 0.28
CA PHE C 6 5.93 -21.45 0.47
C PHE C 6 7.11 -22.37 0.79
N THR C 7 8.33 -21.81 0.85
CA THR C 7 9.61 -22.53 1.02
C THR C 7 10.02 -21.91 2.36
N TYR C 8 9.61 -22.50 3.49
CA TYR C 8 9.41 -21.82 4.80
C TYR C 8 10.85 -21.36 4.99
N PRO C 9 11.88 -22.24 5.08
CA PRO C 9 13.20 -21.78 5.52
C PRO C 9 13.97 -20.92 4.49
N PHE C 10 13.73 -21.09 3.18
CA PHE C 10 14.60 -20.52 2.11
C PHE C 10 13.93 -19.34 1.42
N PRO C 11 14.72 -18.32 1.01
CA PRO C 11 14.22 -17.18 0.25
C PRO C 11 13.45 -17.63 -0.99
N GLU C 12 12.49 -16.83 -1.45
CA GLU C 12 11.80 -17.07 -2.75
C GLU C 12 11.21 -15.75 -3.27
N THR C 13 11.07 -15.66 -4.59
CA THR C 13 10.30 -14.61 -5.29
C THR C 13 8.99 -15.25 -5.79
N ARG C 14 7.88 -14.53 -5.65
CA ARG C 14 6.52 -15.02 -6.00
C ARG C 14 5.83 -13.90 -6.78
N PHE C 15 5.52 -14.13 -8.04
CA PHE C 15 4.70 -13.20 -8.84
C PHE C 15 3.25 -13.59 -8.57
N LEU C 16 2.41 -12.61 -8.24
CA LEU C 16 0.99 -12.87 -7.89
C LEU C 16 0.10 -12.09 -8.85
N HIS C 17 -0.89 -12.77 -9.39
CA HIS C 17 -1.97 -12.18 -10.21
C HIS C 17 -3.10 -11.90 -9.25
N ALA C 18 -3.58 -10.67 -9.18
CA ALA C 18 -4.76 -10.30 -8.37
C ALA C 18 -5.45 -9.11 -9.00
N GLY C 19 -6.75 -9.24 -9.25
CA GLY C 19 -7.47 -8.30 -10.12
C GLY C 19 -6.69 -8.15 -11.41
N PRO C 20 -6.59 -6.93 -11.97
CA PRO C 20 -5.92 -6.74 -13.25
C PRO C 20 -4.41 -6.50 -13.13
N ASN C 21 -3.76 -6.90 -12.03
CA ASN C 21 -2.36 -6.48 -11.72
C ASN C 21 -1.43 -7.69 -11.54
N VAL C 22 -0.14 -7.55 -11.87
CA VAL C 22 0.96 -8.44 -11.40
C VAL C 22 1.67 -7.74 -10.23
N TYR C 23 1.77 -8.38 -9.07
CA TYR C 23 2.61 -7.94 -7.93
C TYR C 23 3.87 -8.82 -7.84
N LYS C 24 5.05 -8.20 -7.70
CA LYS C 24 6.30 -8.93 -7.40
C LYS C 24 6.53 -8.90 -5.88
N PHE C 25 6.61 -10.08 -5.28
CA PHE C 25 6.80 -10.28 -3.83
C PHE C 25 8.08 -11.06 -3.62
N LYS C 26 8.79 -10.76 -2.56
CA LYS C 26 10.02 -11.47 -2.14
C LYS C 26 9.85 -11.75 -0.67
N ILE C 27 10.16 -12.98 -0.28
CA ILE C 27 9.93 -13.48 1.10
C ILE C 27 11.30 -13.91 1.60
N ARG C 28 11.56 -13.56 2.85
CA ARG C 28 12.83 -13.82 3.57
C ARG C 28 12.45 -14.18 5.02
N TYR C 29 13.07 -15.25 5.54
CA TYR C 29 12.76 -15.86 6.86
C TYR C 29 14.02 -15.80 7.73
N GLY C 30 13.94 -15.57 9.05
CA GLY C 30 14.98 -16.04 10.01
C GLY C 30 15.84 -14.99 10.75
N LYS C 31 16.00 -15.26 12.06
CA LYS C 31 16.74 -14.50 13.11
C LYS C 31 17.53 -15.53 13.93
N ILE C 38 7.27 -26.88 12.64
CA ILE C 38 5.82 -26.68 12.98
C ILE C 38 5.02 -27.83 12.35
N GLU C 39 3.89 -28.17 13.00
CA GLU C 39 3.08 -29.39 12.75
C GLU C 39 2.53 -29.33 11.31
N ASN C 40 1.53 -28.46 11.07
CA ASN C 40 0.69 -28.52 9.85
C ASN C 40 1.14 -27.46 8.83
N LYS C 41 1.63 -27.91 7.67
CA LYS C 41 2.14 -27.07 6.56
C LYS C 41 0.99 -26.22 6.00
N GLU C 42 -0.20 -26.80 5.93
CA GLU C 42 -1.40 -26.19 5.29
C GLU C 42 -1.77 -24.91 6.03
N VAL C 43 -1.60 -24.89 7.35
CA VAL C 43 -1.86 -23.72 8.25
C VAL C 43 -0.87 -22.60 7.86
N ILE C 44 0.41 -22.96 7.74
CA ILE C 44 1.52 -22.01 7.43
C ILE C 44 1.35 -21.45 6.03
N THR C 45 1.00 -22.25 5.03
CA THR C 45 0.73 -21.73 3.66
C THR C 45 -0.41 -20.70 3.75
N GLN C 46 -1.46 -20.98 4.53
CA GLN C 46 -2.62 -20.06 4.66
C GLN C 46 -2.17 -18.79 5.39
N GLU C 47 -1.27 -18.92 6.35
CA GLU C 47 -0.82 -17.80 7.22
C GLU C 47 -0.01 -16.81 6.37
N LEU C 48 0.91 -17.30 5.55
CA LEU C 48 1.72 -16.42 4.66
C LEU C 48 0.83 -15.83 3.55
N GLU C 49 -0.12 -16.61 3.02
CA GLU C 49 -1.11 -16.10 2.02
C GLU C 49 -1.86 -14.93 2.65
N ASP C 50 -2.23 -15.04 3.92
CA ASP C 50 -3.03 -13.97 4.60
C ASP C 50 -2.14 -12.74 4.72
N SER C 51 -0.89 -12.94 5.17
CA SER C 51 0.19 -11.93 5.13
C SER C 51 0.20 -11.22 3.76
N VAL C 52 0.24 -11.95 2.64
CA VAL C 52 0.23 -11.34 1.29
C VAL C 52 -1.03 -10.50 1.14
N ARG C 53 -2.18 -11.10 1.40
CA ARG C 53 -3.50 -10.46 1.21
C ARG C 53 -3.59 -9.17 2.06
N VAL C 54 -2.97 -9.19 3.24
CA VAL C 54 -2.85 -7.97 4.11
C VAL C 54 -2.03 -6.91 3.40
N VAL C 55 -0.84 -7.25 2.90
CA VAL C 55 0.02 -6.28 2.19
C VAL C 55 -0.74 -5.76 0.97
N LEU C 56 -1.41 -6.65 0.23
CA LEU C 56 -2.19 -6.22 -0.96
C LEU C 56 -3.39 -5.37 -0.54
N GLY C 57 -3.80 -5.40 0.72
CA GLY C 57 -4.91 -4.57 1.20
C GLY C 57 -4.42 -3.26 1.80
N ASN C 58 -3.11 -3.08 1.85
CA ASN C 58 -2.47 -2.02 2.68
C ASN C 58 -1.25 -1.52 1.91
N LEU C 59 -1.42 -1.36 0.59
CA LEU C 59 -0.34 -1.09 -0.40
C LEU C 59 0.46 0.15 -0.01
N ASP C 60 -0.17 1.14 0.65
CA ASP C 60 0.48 2.44 0.90
C ASP C 60 0.53 2.73 2.40
N ASN C 61 0.33 1.71 3.24
CA ASN C 61 0.14 1.85 4.71
C ASN C 61 0.81 0.65 5.39
N LEU C 62 2.04 0.36 5.01
CA LEU C 62 2.78 -0.81 5.52
C LEU C 62 3.20 -0.55 6.96
N GLN C 63 2.89 -1.49 7.83
CA GLN C 63 3.44 -1.55 9.20
C GLN C 63 3.72 -3.02 9.44
N PRO C 64 4.59 -3.37 10.40
CA PRO C 64 4.76 -4.77 10.74
C PRO C 64 3.49 -5.24 11.46
N PHE C 65 3.20 -6.53 11.35
CA PHE C 65 2.04 -7.16 12.00
C PHE C 65 2.38 -8.58 12.45
N ALA C 66 1.68 -9.08 13.47
CA ALA C 66 1.85 -10.44 14.03
C ALA C 66 0.77 -11.35 13.48
N THR C 67 1.10 -12.62 13.21
CA THR C 67 0.15 -13.71 12.85
C THR C 67 0.09 -14.70 14.03
N GLU C 68 -0.54 -15.86 13.89
CA GLU C 68 -0.52 -16.90 14.94
C GLU C 68 0.93 -17.20 15.32
N HIS C 69 1.80 -17.45 14.32
CA HIS C 69 3.18 -17.98 14.51
C HIS C 69 4.27 -16.92 14.29
N PHE C 70 4.01 -15.86 13.53
CA PHE C 70 5.05 -14.98 12.91
C PHE C 70 4.83 -13.51 13.19
N ILE C 71 5.94 -12.76 13.13
CA ILE C 71 5.91 -11.29 12.93
C ILE C 71 6.46 -11.00 11.54
N VAL C 72 5.71 -10.22 10.76
CA VAL C 72 6.01 -9.89 9.34
C VAL C 72 6.36 -8.41 9.24
N PHE C 73 7.55 -8.11 8.76
CA PHE C 73 8.02 -6.74 8.43
C PHE C 73 8.00 -6.56 6.92
N PRO C 74 6.85 -6.05 6.38
CA PRO C 74 6.76 -5.72 4.95
C PRO C 74 7.51 -4.43 4.58
N TYR C 75 8.21 -4.45 3.46
CA TYR C 75 8.97 -3.32 2.87
C TYR C 75 8.53 -3.24 1.43
N LYS C 76 8.64 -2.05 0.84
CA LYS C 76 8.19 -1.69 -0.52
C LYS C 76 9.29 -0.86 -1.19
N SER C 77 9.81 -1.31 -2.31
CA SER C 77 10.88 -0.65 -3.08
C SER C 77 10.41 -0.43 -4.52
N LYS C 78 10.81 0.67 -5.16
CA LYS C 78 10.50 0.87 -6.59
C LYS C 78 11.00 -0.35 -7.37
N TRP C 79 10.14 -0.95 -8.18
CA TRP C 79 10.51 -2.06 -9.10
C TRP C 79 11.25 -1.48 -10.30
N GLU C 80 12.51 -1.87 -10.52
CA GLU C 80 13.43 -1.26 -11.53
C GLU C 80 13.27 -1.96 -12.90
N ARG C 81 13.26 -1.17 -13.98
CA ARG C 81 13.14 -1.65 -15.37
C ARG C 81 11.89 -2.50 -15.51
N VAL C 82 10.73 -1.97 -15.08
CA VAL C 82 9.41 -2.63 -15.18
C VAL C 82 8.95 -2.51 -16.64
N SER C 83 8.87 -1.26 -17.12
CA SER C 83 8.47 -0.84 -18.50
C SER C 83 8.97 -1.82 -19.55
N HIS C 84 10.17 -2.39 -19.37
CA HIS C 84 10.85 -3.28 -20.35
C HIS C 84 10.25 -4.70 -20.32
N LEU C 85 9.25 -4.97 -19.49
CA LEU C 85 8.57 -6.30 -19.38
C LEU C 85 7.09 -6.16 -19.72
N LYS C 86 6.52 -7.12 -20.44
CA LYS C 86 5.06 -7.29 -20.63
C LYS C 86 4.65 -8.59 -19.93
N PHE C 87 3.50 -8.59 -19.25
CA PHE C 87 2.98 -9.80 -18.57
C PHE C 87 1.66 -10.17 -19.24
N LYS C 88 1.49 -11.48 -19.54
CA LYS C 88 0.32 -12.03 -20.28
C LYS C 88 -0.30 -13.21 -19.54
N HIS C 89 -1.63 -13.19 -19.38
CA HIS C 89 -2.51 -14.35 -19.09
C HIS C 89 -3.44 -14.60 -20.28
N GLY C 90 -3.28 -15.74 -20.96
CA GLY C 90 -3.71 -15.92 -22.35
C GLY C 90 -3.17 -14.78 -23.21
N GLU C 91 -4.05 -14.10 -23.97
CA GLU C 91 -3.71 -12.94 -24.83
C GLU C 91 -4.05 -11.64 -24.09
N ILE C 92 -4.29 -11.71 -22.77
CA ILE C 92 -4.61 -10.55 -21.87
C ILE C 92 -3.30 -10.02 -21.25
N ILE C 93 -3.21 -8.69 -21.09
CA ILE C 93 -2.03 -7.99 -20.49
C ILE C 93 -2.30 -7.71 -19.01
N LEU C 94 -1.42 -8.20 -18.14
CA LEU C 94 -1.46 -7.88 -16.69
C LEU C 94 -0.60 -6.64 -16.42
N ILE C 95 -1.13 -5.73 -15.62
CA ILE C 95 -0.53 -4.39 -15.32
C ILE C 95 0.33 -4.57 -14.09
N PRO C 96 1.68 -4.46 -14.23
CA PRO C 96 2.57 -4.69 -13.11
C PRO C 96 2.43 -3.51 -12.15
N TYR C 97 2.13 -3.81 -10.89
CA TYR C 97 2.23 -2.83 -9.79
C TYR C 97 3.73 -2.51 -9.65
N PRO C 98 4.13 -1.26 -9.89
CA PRO C 98 5.56 -0.92 -10.05
C PRO C 98 6.37 -0.80 -8.75
N PHE C 99 6.01 -1.59 -7.74
CA PHE C 99 6.82 -1.78 -6.51
C PHE C 99 6.94 -3.26 -6.20
N VAL C 100 8.03 -3.58 -5.53
CA VAL C 100 8.38 -4.94 -5.07
C VAL C 100 8.14 -4.94 -3.57
N PHE C 101 7.30 -5.84 -3.09
CA PHE C 101 7.12 -6.11 -1.64
C PHE C 101 8.13 -7.17 -1.24
N THR C 102 8.87 -6.87 -0.19
CA THR C 102 9.77 -7.84 0.48
C THR C 102 9.20 -8.06 1.86
N LEU C 103 8.92 -9.29 2.21
CA LEU C 103 8.39 -9.63 3.55
C LEU C 103 9.50 -10.34 4.32
N TYR C 104 10.04 -9.66 5.32
CA TYR C 104 10.89 -10.28 6.36
C TYR C 104 9.95 -10.95 7.35
N VAL C 105 9.92 -12.29 7.34
CA VAL C 105 9.08 -13.11 8.25
C VAL C 105 9.95 -13.58 9.41
N GLU C 106 9.64 -13.15 10.63
CA GLU C 106 10.37 -13.59 11.84
C GLU C 106 9.43 -14.47 12.64
N MET C 107 9.99 -15.40 13.41
CA MET C 107 9.23 -16.24 14.36
C MET C 107 8.75 -15.33 15.49
N LYS C 108 7.49 -15.40 15.88
CA LYS C 108 7.03 -14.81 17.16
C LYS C 108 7.40 -15.78 18.31
N TRP C 109 8.02 -15.28 19.38
CA TRP C 109 8.29 -16.07 20.63
C TRP C 109 7.43 -15.53 21.77
N GLY D 2 3.73 -4.31 21.47
CA GLY D 2 4.00 -5.35 20.42
C GLY D 2 3.59 -4.86 19.03
N TYR D 3 3.00 -5.74 18.22
CA TYR D 3 2.56 -5.44 16.83
C TYR D 3 1.06 -5.70 16.65
N ILE D 4 0.41 -4.85 15.85
CA ILE D 4 -1.00 -5.03 15.43
C ILE D 4 -1.18 -6.49 14.98
N SER D 5 -2.26 -7.12 15.43
CA SER D 5 -2.64 -8.47 14.95
C SER D 5 -3.08 -8.37 13.48
N ILE D 6 -2.88 -9.44 12.74
CA ILE D 6 -3.29 -9.53 11.30
C ILE D 6 -4.82 -9.43 11.23
N ASP D 7 -5.52 -9.85 12.28
CA ASP D 7 -7.00 -9.85 12.31
C ASP D 7 -7.50 -8.41 12.43
N ALA D 8 -6.65 -7.47 12.86
CA ALA D 8 -6.98 -6.04 13.06
C ALA D 8 -6.83 -5.25 11.75
N MET D 9 -6.61 -5.92 10.61
CA MET D 9 -6.21 -5.21 9.37
C MET D 9 -6.97 -5.75 8.16
N LYS D 10 -7.58 -4.82 7.42
CA LYS D 10 -8.30 -5.11 6.16
C LYS D 10 -7.32 -5.82 5.22
N LYS D 11 -7.82 -6.69 4.34
CA LYS D 11 -6.94 -7.42 3.41
C LYS D 11 -7.64 -7.65 2.07
N PHE D 12 -6.84 -7.99 1.07
CA PHE D 12 -7.34 -8.30 -0.28
C PHE D 12 -8.07 -9.65 -0.21
N LEU D 13 -9.35 -9.59 -0.48
CA LEU D 13 -10.22 -10.78 -0.70
C LEU D 13 -10.35 -10.96 -2.21
N GLY D 14 -10.31 -12.19 -2.69
CA GLY D 14 -10.55 -12.46 -4.12
C GLY D 14 -9.44 -13.24 -4.75
N GLU D 15 -9.68 -13.65 -5.99
CA GLU D 15 -8.75 -14.50 -6.79
C GLU D 15 -7.34 -13.98 -6.63
N LEU D 16 -6.48 -14.85 -6.13
CA LEU D 16 -5.05 -14.58 -5.89
C LEU D 16 -4.30 -15.82 -6.40
N HIS D 17 -3.57 -15.66 -7.50
CA HIS D 17 -2.92 -16.77 -8.23
C HIS D 17 -1.42 -16.52 -8.33
N ASP D 18 -0.64 -17.59 -8.29
CA ASP D 18 0.79 -17.58 -8.71
C ASP D 18 0.81 -17.32 -10.21
N PHE D 19 1.35 -16.19 -10.63
CA PHE D 19 1.82 -15.95 -12.01
C PHE D 19 3.06 -16.83 -12.21
N ILE D 20 2.91 -17.93 -12.94
CA ILE D 20 4.02 -18.89 -13.25
C ILE D 20 4.14 -18.97 -14.76
N PRO D 21 5.20 -18.39 -15.37
CA PRO D 21 5.41 -18.50 -16.81
C PRO D 21 5.41 -19.98 -17.24
N GLY D 22 4.77 -20.27 -18.39
CA GLY D 22 4.77 -21.60 -19.03
C GLY D 22 3.57 -22.45 -18.62
N THR D 23 2.81 -22.02 -17.62
CA THR D 23 1.63 -22.75 -17.07
C THR D 23 0.41 -21.83 -17.03
N SER D 24 -0.77 -22.38 -17.28
CA SER D 24 -2.10 -21.74 -17.10
C SER D 24 -2.27 -20.58 -18.09
N GLY D 25 -1.43 -20.54 -19.12
CA GLY D 25 -1.43 -19.48 -20.15
C GLY D 25 -0.49 -18.32 -19.82
N TYR D 26 0.17 -18.35 -18.66
CA TYR D 26 1.02 -17.22 -18.19
C TYR D 26 2.33 -17.17 -19.00
N LEU D 27 2.55 -16.06 -19.71
CA LEU D 27 3.81 -15.76 -20.44
C LEU D 27 4.28 -14.36 -20.02
N ALA D 28 5.58 -14.11 -20.16
CA ALA D 28 6.22 -12.79 -19.96
C ALA D 28 7.27 -12.58 -21.06
N TYR D 29 7.24 -11.41 -21.71
CA TYR D 29 8.10 -11.03 -22.87
C TYR D 29 8.92 -9.80 -22.48
N HIS D 30 10.06 -9.56 -23.15
CA HIS D 30 10.86 -8.31 -23.07
C HIS D 30 10.59 -7.43 -24.31
N VAL D 31 10.81 -6.12 -24.24
CA VAL D 31 10.53 -5.13 -25.34
C VAL D 31 11.65 -5.17 -26.39
N GLN D 32 11.37 -4.60 -27.57
CA GLN D 32 12.26 -4.52 -28.76
C GLN D 32 12.34 -3.07 -29.25
N SER E 1 31.11 14.90 21.58
CA SER E 1 29.72 15.40 21.34
C SER E 1 28.78 14.23 21.00
N SER E 2 27.53 14.31 21.46
CA SER E 2 26.49 13.26 21.29
C SER E 2 25.09 13.88 21.47
N LEU E 3 24.04 13.05 21.32
CA LEU E 3 22.63 13.36 21.65
C LEU E 3 22.43 13.04 23.12
N LYS E 4 21.32 13.49 23.71
CA LYS E 4 20.84 12.90 24.97
C LYS E 4 20.86 11.39 24.77
N PRO E 5 21.28 10.60 25.78
CA PRO E 5 21.14 9.14 25.73
C PRO E 5 19.71 8.62 25.47
N PHE E 6 19.60 7.51 24.72
CA PHE E 6 18.34 6.77 24.49
C PHE E 6 18.00 5.99 25.75
N THR E 7 16.72 5.67 25.97
CA THR E 7 16.24 4.91 27.14
C THR E 7 16.10 3.42 26.83
N TYR E 8 17.22 2.68 26.85
CA TYR E 8 17.34 1.36 26.19
C TYR E 8 15.99 0.64 26.17
N PRO E 9 15.43 0.19 27.32
CA PRO E 9 14.22 -0.63 27.26
C PRO E 9 12.92 0.11 26.95
N PHE E 10 12.87 1.44 27.07
CA PHE E 10 11.61 2.23 27.09
C PHE E 10 11.33 2.96 25.78
N PRO E 11 10.13 2.77 25.18
CA PRO E 11 9.72 3.52 24.01
C PRO E 11 9.87 5.03 24.22
N GLU E 12 10.29 5.78 23.20
CA GLU E 12 10.42 7.26 23.29
C GLU E 12 10.17 7.90 21.92
N THR E 13 9.91 9.20 21.90
CA THR E 13 9.89 10.05 20.69
C THR E 13 11.03 11.07 20.76
N ARG E 14 11.77 11.25 19.67
CA ARG E 14 12.89 12.20 19.58
C ARG E 14 12.65 13.10 18.37
N PHE E 15 12.79 14.40 18.54
CA PHE E 15 12.86 15.38 17.42
C PHE E 15 14.33 15.75 17.28
N LEU E 16 14.84 15.68 16.07
CA LEU E 16 16.30 15.83 15.88
C LEU E 16 16.54 16.94 14.88
N HIS E 17 17.60 17.70 15.10
CA HIS E 17 17.95 18.86 14.26
C HIS E 17 19.21 18.46 13.48
N ALA E 18 19.09 18.43 12.16
CA ALA E 18 20.15 18.10 11.19
C ALA E 18 19.99 19.04 10.00
N GLY E 19 21.08 19.65 9.56
CA GLY E 19 21.05 20.81 8.64
C GLY E 19 19.89 21.73 8.99
N PRO E 20 19.08 22.16 7.99
CA PRO E 20 17.91 23.01 8.21
C PRO E 20 16.56 22.29 8.42
N ASN E 21 16.61 21.06 8.97
CA ASN E 21 15.47 20.09 9.01
C ASN E 21 15.24 19.59 10.44
N VAL E 22 13.98 19.41 10.83
CA VAL E 22 13.60 18.64 12.05
C VAL E 22 12.98 17.27 11.65
N TYR E 23 13.46 16.18 12.26
CA TYR E 23 13.07 14.79 11.99
C TYR E 23 12.44 14.21 13.25
N LYS E 24 11.18 13.79 13.16
CA LYS E 24 10.49 13.10 14.28
C LYS E 24 10.76 11.61 14.16
N PHE E 25 11.38 11.04 15.18
CA PHE E 25 11.69 9.59 15.33
C PHE E 25 10.95 9.00 16.53
N LYS E 26 10.24 7.91 16.31
CA LYS E 26 9.73 7.07 17.40
C LYS E 26 10.61 5.82 17.47
N ILE E 27 10.95 5.39 18.68
CA ILE E 27 11.73 4.15 18.92
C ILE E 27 10.84 3.20 19.73
N ARG E 28 10.69 2.00 19.22
CA ARG E 28 9.89 0.91 19.81
C ARG E 28 10.83 -0.30 19.96
N TYR E 29 11.06 -0.74 21.18
CA TYR E 29 11.80 -1.98 21.48
C TYR E 29 10.75 -3.08 21.46
N GLY E 30 11.00 -4.18 20.73
CA GLY E 30 10.09 -5.32 20.65
C GLY E 30 10.21 -6.16 21.90
N LYS E 31 9.66 -7.37 21.88
CA LYS E 31 9.74 -8.30 23.04
C LYS E 31 11.07 -9.05 22.99
N SER E 32 11.40 -9.76 24.06
CA SER E 32 12.73 -10.38 24.25
C SER E 32 13.79 -9.30 24.00
N ILE E 33 14.02 -8.46 25.01
CA ILE E 33 15.16 -7.51 25.11
C ILE E 33 15.73 -7.64 26.54
N ARG E 34 16.94 -7.14 26.76
CA ARG E 34 17.70 -7.32 28.04
C ARG E 34 18.79 -6.25 28.16
N ASN E 40 25.94 -2.10 27.80
CA ASN E 40 26.49 -0.80 28.31
C ASN E 40 25.72 0.36 27.69
N LYS E 41 25.22 1.28 28.53
CA LYS E 41 24.39 2.46 28.16
C LYS E 41 25.12 3.35 27.14
N GLU E 42 26.45 3.51 27.25
CA GLU E 42 27.25 4.42 26.38
C GLU E 42 27.33 3.85 24.96
N VAL E 43 27.35 2.52 24.83
CA VAL E 43 27.53 1.77 23.53
C VAL E 43 26.21 1.75 22.77
N ILE E 44 25.16 1.27 23.44
CA ILE E 44 23.76 1.27 22.93
C ILE E 44 23.46 2.65 22.36
N THR E 45 23.62 3.72 23.14
CA THR E 45 23.27 5.10 22.71
C THR E 45 23.96 5.44 21.37
N GLN E 46 25.20 5.00 21.16
CA GLN E 46 25.98 5.21 19.89
C GLN E 46 25.44 4.27 18.81
N GLU E 47 25.05 3.05 19.19
CA GLU E 47 24.44 2.03 18.31
C GLU E 47 23.13 2.57 17.73
N LEU E 48 22.28 3.13 18.60
CA LEU E 48 20.98 3.71 18.23
C LEU E 48 21.23 5.02 17.49
N GLU E 49 22.19 5.82 17.94
CA GLU E 49 22.57 7.06 17.21
C GLU E 49 23.01 6.71 15.78
N ASP E 50 23.83 5.66 15.60
CA ASP E 50 24.34 5.23 14.28
C ASP E 50 23.15 4.75 13.44
N SER E 51 22.20 4.05 14.08
CA SER E 51 20.90 3.63 13.47
C SER E 51 20.14 4.85 12.90
N VAL E 52 19.97 5.90 13.70
CA VAL E 52 19.33 7.16 13.23
C VAL E 52 20.10 7.69 12.01
N ARG E 53 21.44 7.69 12.09
CA ARG E 53 22.31 8.26 11.04
C ARG E 53 22.13 7.49 9.72
N VAL E 54 21.94 6.17 9.81
CA VAL E 54 21.62 5.28 8.65
C VAL E 54 20.31 5.72 8.00
N VAL E 55 19.25 5.90 8.81
CA VAL E 55 17.90 6.26 8.29
C VAL E 55 18.01 7.60 7.56
N LEU E 56 18.68 8.59 8.18
CA LEU E 56 18.84 9.95 7.59
C LEU E 56 19.66 9.87 6.29
N GLY E 57 20.61 8.94 6.19
CA GLY E 57 21.47 8.77 5.00
C GLY E 57 20.78 8.01 3.89
N ASN E 58 19.53 7.58 4.12
CA ASN E 58 18.79 6.63 3.25
C ASN E 58 17.28 6.93 3.38
N LEU E 59 16.89 8.20 3.34
CA LEU E 59 15.52 8.70 3.62
C LEU E 59 14.51 8.08 2.65
N ASP E 60 14.96 7.72 1.44
CA ASP E 60 14.08 7.22 0.35
C ASP E 60 14.40 5.77 0.04
N ASN E 61 15.22 5.08 0.86
CA ASN E 61 15.54 3.64 0.67
C ASN E 61 15.72 2.96 2.03
N LEU E 62 14.63 2.79 2.74
CA LEU E 62 14.60 2.11 4.06
C LEU E 62 14.72 0.60 3.83
N GLN E 63 15.69 -0.01 4.49
CA GLN E 63 15.93 -1.46 4.58
C GLN E 63 16.15 -1.73 6.06
N PRO E 64 15.75 -2.90 6.58
CA PRO E 64 16.17 -3.32 7.93
C PRO E 64 17.67 -3.57 7.90
N PHE E 65 18.31 -3.51 9.07
CA PHE E 65 19.77 -3.69 9.17
C PHE E 65 20.12 -4.22 10.55
N ALA E 66 21.22 -4.98 10.59
CA ALA E 66 21.83 -5.59 11.79
C ALA E 66 22.89 -4.64 12.37
N THR E 67 22.81 -4.36 13.66
CA THR E 67 23.88 -3.68 14.44
C THR E 67 24.63 -4.78 15.20
N GLU E 68 25.47 -4.41 16.17
CA GLU E 68 26.20 -5.39 17.02
C GLU E 68 25.23 -6.09 17.98
N HIS E 69 24.15 -5.45 18.48
CA HIS E 69 23.17 -6.09 19.39
C HIS E 69 21.82 -6.37 18.71
N PHE E 70 21.47 -5.59 17.68
CA PHE E 70 20.07 -5.45 17.23
C PHE E 70 19.89 -5.71 15.73
N ILE E 71 18.64 -6.03 15.41
CA ILE E 71 18.03 -5.81 14.07
C ILE E 71 17.05 -4.65 14.21
N VAL E 72 17.26 -3.62 13.39
CA VAL E 72 16.45 -2.38 13.32
C VAL E 72 15.66 -2.41 12.03
N PHE E 73 14.34 -2.25 12.15
CA PHE E 73 13.37 -2.24 11.04
C PHE E 73 12.80 -0.84 10.92
N PRO E 74 13.43 0.07 10.15
CA PRO E 74 12.92 1.44 10.03
C PRO E 74 11.69 1.43 9.11
N TYR E 75 10.65 2.14 9.54
CA TYR E 75 9.42 2.47 8.78
C TYR E 75 9.24 3.99 8.72
N LYS E 76 8.39 4.45 7.80
CA LYS E 76 8.18 5.87 7.44
C LYS E 76 6.68 6.06 7.19
N SER E 77 6.02 7.00 7.84
CA SER E 77 4.61 7.32 7.50
C SER E 77 4.40 8.83 7.53
N LYS E 78 3.41 9.28 6.76
CA LYS E 78 3.00 10.70 6.62
C LYS E 78 2.78 11.21 8.04
N TRP E 79 3.54 12.25 8.39
CA TRP E 79 3.39 12.99 9.65
C TRP E 79 2.05 13.71 9.58
N GLU E 80 1.07 13.20 10.32
CA GLU E 80 -0.30 13.73 10.48
C GLU E 80 -0.23 15.11 11.16
N ARG E 81 -0.66 16.17 10.46
CA ARG E 81 -0.83 17.57 10.95
C ARG E 81 0.51 18.29 11.07
N VAL E 82 1.44 18.09 10.14
CA VAL E 82 2.78 18.77 10.16
C VAL E 82 2.55 20.26 9.99
N SER E 83 1.75 20.63 8.98
CA SER E 83 1.46 22.04 8.62
C SER E 83 1.09 22.85 9.88
N HIS E 84 0.49 22.20 10.89
CA HIS E 84 -0.01 22.82 12.15
C HIS E 84 1.13 23.11 13.12
N LEU E 85 2.37 22.69 12.82
CA LEU E 85 3.57 22.90 13.68
C LEU E 85 4.63 23.71 12.92
N LYS E 86 5.33 24.62 13.62
CA LYS E 86 6.45 25.42 13.05
C LYS E 86 7.64 25.35 14.01
N PHE E 87 8.85 25.22 13.47
CA PHE E 87 10.09 24.88 14.21
C PHE E 87 11.10 25.99 14.01
N LYS E 88 11.67 26.49 15.11
CA LYS E 88 12.62 27.64 15.11
C LYS E 88 13.84 27.29 15.96
N HIS E 89 15.02 27.62 15.44
CA HIS E 89 16.32 27.62 16.17
C HIS E 89 16.96 29.00 16.09
N GLY E 90 16.85 29.80 17.17
CA GLY E 90 17.08 31.26 17.12
C GLY E 90 16.04 31.89 16.20
N GLU E 91 16.49 32.59 15.15
CA GLU E 91 15.60 33.24 14.15
C GLU E 91 15.51 32.37 12.88
N ILE E 92 16.19 31.22 12.87
CA ILE E 92 16.22 30.26 11.71
C ILE E 92 14.95 29.39 11.75
N ILE E 93 14.25 29.32 10.62
CA ILE E 93 13.08 28.42 10.36
C ILE E 93 13.63 27.05 9.97
N LEU E 94 13.43 26.04 10.84
CA LEU E 94 13.75 24.62 10.56
C LEU E 94 12.53 23.98 9.88
N ILE E 95 12.77 23.22 8.80
CA ILE E 95 11.70 22.58 7.98
C ILE E 95 11.44 21.17 8.51
N PRO E 96 10.22 20.93 9.06
CA PRO E 96 9.85 19.60 9.55
C PRO E 96 9.73 18.66 8.34
N TYR E 97 10.58 17.62 8.32
CA TYR E 97 10.51 16.50 7.35
C TYR E 97 9.12 15.88 7.44
N PRO E 98 8.36 15.87 6.33
CA PRO E 98 6.94 15.55 6.39
C PRO E 98 6.60 14.08 6.69
N PHE E 99 7.59 13.27 7.11
CA PHE E 99 7.37 11.85 7.51
C PHE E 99 7.91 11.58 8.91
N VAL E 100 7.21 10.73 9.64
CA VAL E 100 7.65 10.19 10.96
C VAL E 100 8.41 8.88 10.71
N PHE E 101 9.60 8.73 11.31
CA PHE E 101 10.41 7.48 11.29
C PHE E 101 10.12 6.69 12.57
N THR E 102 9.72 5.44 12.41
CA THR E 102 9.50 4.51 13.53
C THR E 102 10.56 3.44 13.39
N LEU E 103 11.42 3.26 14.39
CA LEU E 103 12.43 2.18 14.38
C LEU E 103 11.98 1.09 15.35
N TYR E 104 11.53 -0.03 14.81
CA TYR E 104 11.28 -1.28 15.56
C TYR E 104 12.63 -1.96 15.76
N VAL E 105 13.05 -2.06 17.01
CA VAL E 105 14.39 -2.61 17.40
C VAL E 105 14.13 -3.96 18.06
N GLU E 106 14.67 -5.04 17.50
CA GLU E 106 14.64 -6.39 18.13
C GLU E 106 16.09 -6.76 18.47
N MET E 107 16.31 -7.54 19.52
CA MET E 107 17.57 -8.32 19.73
C MET E 107 17.71 -9.25 18.51
N LYS E 108 18.93 -9.64 18.16
CA LYS E 108 19.14 -10.56 17.00
C LYS E 108 19.41 -11.99 17.53
N TRP E 109 18.50 -12.57 18.31
CA TRP E 109 18.71 -13.91 18.93
C TRP E 109 18.98 -14.94 17.81
N GLY F 2 20.19 -13.43 6.87
CA GLY F 2 21.21 -12.39 7.12
C GLY F 2 20.75 -11.03 6.65
N TYR F 3 20.45 -10.15 7.59
CA TYR F 3 20.20 -8.72 7.33
C TYR F 3 21.53 -8.05 6.95
N ILE F 4 21.50 -7.10 6.03
CA ILE F 4 22.62 -6.14 5.76
C ILE F 4 23.12 -5.55 7.09
N SER F 5 24.44 -5.55 7.29
CA SER F 5 25.11 -4.84 8.40
C SER F 5 24.93 -3.33 8.25
N ILE F 6 24.86 -2.66 9.38
CA ILE F 6 24.82 -1.17 9.45
C ILE F 6 26.09 -0.64 8.79
N ASP F 7 27.20 -1.33 8.99
CA ASP F 7 28.54 -0.89 8.53
C ASP F 7 28.67 -0.86 7.01
N ALA F 8 27.69 -1.42 6.28
CA ALA F 8 27.69 -1.46 4.81
C ALA F 8 26.79 -0.35 4.27
N MET F 9 26.22 0.47 5.15
CA MET F 9 25.14 1.40 4.76
C MET F 9 25.63 2.83 4.94
N LYS F 10 25.33 3.68 3.96
CA LYS F 10 25.68 5.12 3.96
C LYS F 10 25.01 5.78 5.16
N LYS F 11 25.81 6.49 5.97
CA LYS F 11 25.35 7.28 7.14
C LYS F 11 25.35 8.78 6.85
N PHE F 12 24.45 9.50 7.51
CA PHE F 12 24.51 10.97 7.68
C PHE F 12 25.58 11.27 8.73
N LEU F 13 26.56 12.12 8.40
CA LEU F 13 27.79 12.38 9.23
C LEU F 13 27.80 13.80 9.79
N GLY F 14 26.85 14.66 9.39
CA GLY F 14 26.68 16.02 9.93
C GLY F 14 26.34 16.00 11.41
N GLU F 15 26.13 17.17 12.00
CA GLU F 15 25.80 17.31 13.44
C GLU F 15 24.30 17.00 13.63
N LEU F 16 24.00 16.17 14.63
CA LEU F 16 22.63 15.92 15.13
C LEU F 16 22.51 16.57 16.51
N HIS F 17 21.36 17.16 16.80
CA HIS F 17 21.03 17.75 18.12
C HIS F 17 19.60 17.37 18.47
N ASP F 18 19.31 17.12 19.74
CA ASP F 18 17.91 17.04 20.18
C ASP F 18 17.29 18.39 19.86
N PHE F 19 16.16 18.42 19.16
CA PHE F 19 15.34 19.64 19.09
C PHE F 19 14.51 19.67 20.37
N ILE F 20 14.90 20.52 21.33
CA ILE F 20 14.16 20.69 22.63
C ILE F 20 13.71 22.15 22.76
N PRO F 21 12.39 22.42 22.70
CA PRO F 21 11.85 23.75 22.98
C PRO F 21 12.22 24.26 24.38
N GLY F 22 12.48 25.56 24.49
CA GLY F 22 12.91 26.22 25.73
C GLY F 22 14.42 26.36 25.82
N THR F 23 15.17 25.52 25.10
CA THR F 23 16.65 25.47 25.21
C THR F 23 17.31 25.76 23.85
N SER F 24 18.55 26.24 23.89
CA SER F 24 19.49 26.37 22.75
C SER F 24 18.94 27.31 21.66
N GLY F 25 17.93 28.13 22.01
CA GLY F 25 17.21 29.00 21.06
C GLY F 25 16.12 28.25 20.30
N TYR F 26 15.81 27.01 20.69
CA TYR F 26 14.76 26.19 20.05
C TYR F 26 13.38 26.63 20.56
N LEU F 27 12.46 26.89 19.64
CA LEU F 27 11.04 27.27 19.90
C LEU F 27 10.13 26.49 18.94
N ALA F 28 9.11 25.84 19.47
CA ALA F 28 8.01 25.22 18.69
C ALA F 28 6.72 26.03 18.89
N TYR F 29 5.82 26.01 17.92
CA TYR F 29 4.45 26.55 18.12
C TYR F 29 3.44 25.79 17.25
N HIS F 30 2.23 25.68 17.79
CA HIS F 30 1.07 24.92 17.27
C HIS F 30 -0.03 25.90 16.87
N VAL F 31 -0.70 25.62 15.75
CA VAL F 31 -1.90 26.36 15.22
C VAL F 31 -3.02 26.42 16.28
N GLN F 32 -3.73 27.54 16.35
CA GLN F 32 -4.99 27.69 17.12
C GLN F 32 -6.06 28.29 16.21
N ASN F 33 -7.33 28.02 16.54
CA ASN F 33 -8.55 28.75 16.05
C ASN F 33 -9.23 29.39 17.28
N GLU F 34 -8.42 29.90 18.23
CA GLU F 34 -8.81 30.14 19.65
C GLU F 34 -8.57 31.61 20.02
N ILE F 35 -8.94 31.94 21.27
CA ILE F 35 -8.76 33.26 21.96
C ILE F 35 -9.57 34.31 21.21
#